data_3OZ0
#
_entry.id   3OZ0
#
_cell.length_a   113.258
_cell.length_b   49.134
_cell.length_c   58.574
_cell.angle_alpha   90.00
_cell.angle_beta   105.34
_cell.angle_gamma   90.00
#
_symmetry.space_group_name_H-M   'C 1 2 1'
#
loop_
_entity.id
_entity.type
_entity.pdbx_description
1 polymer 'Peroxisome proliferator-activated receptor delta'
2 non-polymer '[4-({(1S)-1-[(2,4-dichlorophenyl)carbamoyl]-1,3-dihydro-2H-isoindol-2-yl}methyl)-2-methylphenoxy]acetic acid'
#
_entity_poly.entity_id   1
_entity_poly.type   'polypeptide(L)'
_entity_poly.pdbx_seq_one_letter_code
;MGHHHHHHGSQYNPQVADLKAFSKHIYNAYLKNFNMTKKKARSILTGKASHTAPFVIHDIETLWQAEKGLVWKQLVNGLP
PYKEISVHVFYRCQCTTVETVRELTEFAKSIPSFSSLFLNDQVTLLKYGVHEAIFAMLASIVNKDGLLVANGSGFVTREF
LRSLRKPFSDIIEPKFEFAVKFNALELDDSDLALFIAAIILCGDRPGLMNVPRVEAIQDTILRALEFHLQANHPDAQYLF
PKLLQKMADLRQLVTEHAQMMQRIKKTETETSLHPLLQEIYKDMY
;
_entity_poly.pdbx_strand_id   A
#
loop_
_chem_comp.id
_chem_comp.type
_chem_comp.name
_chem_comp.formula
3OZ non-polymer '[4-({(1S)-1-[(2,4-dichlorophenyl)carbamoyl]-1,3-dihydro-2H-isoindol-2-yl}methyl)-2-methylphenoxy]acetic acid' 'C25 H22 Cl2 N2 O4'
#
# COMPACT_ATOMS: atom_id res chain seq x y z
N LEU A 19 -25.95 -3.28 -10.03
CA LEU A 19 -24.58 -3.17 -10.60
C LEU A 19 -23.88 -1.85 -10.24
N LYS A 20 -24.61 -0.75 -10.37
CA LYS A 20 -24.10 0.58 -10.02
C LYS A 20 -24.00 0.74 -8.50
N ALA A 21 -24.95 0.16 -7.78
CA ALA A 21 -24.94 0.14 -6.32
C ALA A 21 -23.80 -0.72 -5.78
N PHE A 22 -23.38 -1.70 -6.57
CA PHE A 22 -22.23 -2.54 -6.23
C PHE A 22 -20.95 -1.69 -6.14
N SER A 23 -20.70 -0.89 -7.17
CA SER A 23 -19.53 0.01 -7.21
C SER A 23 -19.58 1.09 -6.13
N LYS A 24 -20.78 1.48 -5.72
CA LYS A 24 -20.95 2.49 -4.68
C LYS A 24 -20.89 1.87 -3.29
N HIS A 25 -21.15 0.56 -3.18
CA HIS A 25 -20.99 -0.15 -1.91
C HIS A 25 -19.52 -0.31 -1.55
N ILE A 26 -18.71 -0.65 -2.56
CA ILE A 26 -17.28 -0.81 -2.37
C ILE A 26 -16.64 0.54 -2.10
N TYR A 27 -17.02 1.53 -2.91
CA TYR A 27 -16.54 2.91 -2.73
C TYR A 27 -16.98 3.50 -1.39
N ASN A 28 -18.14 3.06 -0.89
CA ASN A 28 -18.58 3.40 0.47
C ASN A 28 -17.62 2.85 1.52
N ALA A 29 -17.31 1.56 1.41
CA ALA A 29 -16.41 0.88 2.34
C ALA A 29 -14.99 1.44 2.29
N TYR A 30 -14.55 1.79 1.08
CA TYR A 30 -13.25 2.44 0.88
C TYR A 30 -13.18 3.74 1.68
N LEU A 31 -14.22 4.57 1.54
CA LEU A 31 -14.32 5.82 2.32
C LEU A 31 -14.46 5.56 3.82
N LYS A 32 -15.16 4.49 4.18
CA LYS A 32 -15.42 4.16 5.57
C LYS A 32 -14.17 3.65 6.31
N ASN A 33 -13.22 3.06 5.57
CA ASN A 33 -12.10 2.33 6.19
C ASN A 33 -10.69 2.91 6.00
N PHE A 34 -10.51 3.77 5.00
CA PHE A 34 -9.18 4.31 4.70
C PHE A 34 -9.12 5.80 5.00
N ASN A 35 -8.30 6.16 5.99
CA ASN A 35 -8.21 7.55 6.43
C ASN A 35 -7.59 8.45 5.35
N MET A 36 -6.48 8.01 4.78
CA MET A 36 -5.80 8.76 3.73
C MET A 36 -6.38 8.42 2.36
N THR A 37 -6.95 9.41 1.68
CA THR A 37 -7.52 9.23 0.35
C THR A 37 -6.75 10.05 -0.69
N LYS A 38 -6.87 9.64 -1.95
CA LYS A 38 -6.20 10.35 -3.06
C LYS A 38 -6.71 11.78 -3.22
N LYS A 39 -7.96 12.01 -2.84
CA LYS A 39 -8.55 13.35 -2.90
C LYS A 39 -7.89 14.25 -1.86
N LYS A 40 -7.85 13.78 -0.61
CA LYS A 40 -7.19 14.50 0.48
C LYS A 40 -5.67 14.56 0.31
N ALA A 41 -5.09 13.59 -0.39
CA ALA A 41 -3.65 13.54 -0.63
C ALA A 41 -3.20 14.56 -1.67
N ARG A 42 -3.93 14.66 -2.78
CA ARG A 42 -3.56 15.57 -3.87
C ARG A 42 -3.86 17.03 -3.50
N SER A 43 -4.78 17.23 -2.57
CA SER A 43 -5.07 18.56 -2.05
C SER A 43 -3.96 19.04 -1.10
N ILE A 44 -3.23 18.11 -0.50
CA ILE A 44 -2.09 18.45 0.34
C ILE A 44 -0.84 18.65 -0.52
N LEU A 45 -0.59 17.70 -1.42
CA LEU A 45 0.63 17.70 -2.24
C LEU A 45 0.77 18.95 -3.11
N THR A 46 -0.32 19.39 -3.71
CA THR A 46 -0.30 20.55 -4.60
C THR A 46 -0.26 21.85 -3.81
N ALA A 53 1.23 22.50 2.81
CA ALA A 53 2.08 22.89 3.93
C ALA A 53 2.53 21.69 4.80
N PRO A 54 2.96 20.58 4.17
CA PRO A 54 3.51 19.49 4.97
C PRO A 54 4.94 19.76 5.42
N PHE A 55 5.28 19.38 6.65
CA PHE A 55 6.62 19.56 7.18
C PHE A 55 7.61 18.63 6.48
N VAL A 56 8.53 19.21 5.71
CA VAL A 56 9.43 18.43 4.86
C VAL A 56 10.57 17.80 5.65
N ILE A 57 10.70 16.48 5.51
CA ILE A 57 11.78 15.72 6.14
C ILE A 57 12.80 15.38 5.08
N HIS A 58 13.91 16.11 5.08
CA HIS A 58 14.95 15.99 4.05
C HIS A 58 16.35 15.68 4.60
N ASP A 59 16.50 15.65 5.93
CA ASP A 59 17.78 15.29 6.55
C ASP A 59 17.57 14.73 7.97
N ILE A 60 18.67 14.37 8.62
CA ILE A 60 18.62 13.72 9.93
C ILE A 60 17.97 14.64 10.97
N GLU A 61 18.26 15.94 10.88
CA GLU A 61 17.68 16.93 11.78
C GLU A 61 16.15 16.94 11.68
N THR A 62 15.64 17.15 10.47
CA THR A 62 14.18 17.24 10.26
C THR A 62 13.44 15.92 10.49
N LEU A 63 14.14 14.79 10.30
CA LEU A 63 13.58 13.47 10.59
C LEU A 63 13.30 13.30 12.08
N TRP A 64 14.18 13.84 12.91
CA TRP A 64 14.04 13.76 14.36
C TRP A 64 13.04 14.79 14.87
N GLN A 65 12.90 15.92 14.16
CA GLN A 65 11.96 16.98 14.56
C GLN A 65 10.51 16.52 14.47
N ALA A 66 10.24 15.66 13.49
CA ALA A 66 8.97 14.94 13.44
C ALA A 66 8.92 13.96 14.62
N GLU A 67 8.33 14.41 15.72
CA GLU A 67 8.18 13.57 16.90
C GLU A 67 6.79 13.73 17.51
N LYS A 68 6.55 14.82 18.23
CA LYS A 68 5.31 15.03 18.97
C LYS A 68 5.00 13.94 20.00
N GLY A 69 5.69 12.80 19.91
CA GLY A 69 5.50 11.71 20.86
C GLY A 69 6.03 12.14 22.21
N LEU A 70 5.17 12.10 23.22
CA LEU A 70 5.51 12.60 24.55
C LEU A 70 6.65 11.80 25.19
N VAL A 71 6.66 10.49 24.95
CA VAL A 71 7.71 9.62 25.47
C VAL A 71 9.02 9.86 24.70
N TRP A 72 8.91 9.91 23.37
CA TRP A 72 10.03 10.25 22.50
C TRP A 72 10.62 11.60 22.90
N LYS A 73 9.75 12.60 23.06
CA LYS A 73 10.15 13.95 23.47
C LYS A 73 10.91 13.94 24.82
N GLN A 74 10.47 13.08 25.74
CA GLN A 74 11.10 12.96 27.05
C GLN A 74 12.46 12.24 27.00
N LEU A 75 12.70 11.46 25.94
CA LEU A 75 13.92 10.68 25.83
C LEU A 75 14.97 11.23 24.86
N VAL A 76 14.53 11.98 23.84
CA VAL A 76 15.48 12.56 22.87
C VAL A 76 16.57 13.36 23.54
N ASN A 77 17.79 13.20 23.03
CA ASN A 77 18.91 14.04 23.42
C ASN A 77 19.43 14.79 22.19
N GLY A 78 20.15 14.08 21.33
CA GLY A 78 20.73 14.68 20.13
C GLY A 78 20.37 13.89 18.90
N LEU A 79 21.17 14.05 17.85
CA LEU A 79 20.93 13.36 16.59
C LEU A 79 21.49 11.93 16.66
N PRO A 80 20.82 10.98 16.00
CA PRO A 80 21.17 9.56 16.10
C PRO A 80 22.46 9.21 15.34
N PRO A 81 23.16 8.14 15.79
CA PRO A 81 24.49 7.79 15.27
C PRO A 81 24.61 7.71 13.75
N TYR A 82 23.89 6.78 13.13
CA TYR A 82 23.98 6.52 11.68
C TYR A 82 23.11 5.34 11.30
N LYS A 83 23.40 4.19 11.90
CA LYS A 83 22.63 2.97 11.67
C LYS A 83 21.18 3.15 12.15
N GLU A 84 21.01 3.91 13.23
CA GLU A 84 19.69 4.20 13.78
C GLU A 84 18.78 4.94 12.79
N ILE A 85 19.38 5.73 11.90
CA ILE A 85 18.60 6.50 10.94
C ILE A 85 17.86 5.60 9.96
N SER A 86 18.52 4.55 9.49
CA SER A 86 17.92 3.62 8.53
C SER A 86 16.93 2.65 9.19
N VAL A 87 17.26 2.20 10.40
CA VAL A 87 16.35 1.35 11.17
C VAL A 87 15.08 2.11 11.55
N HIS A 88 15.21 3.40 11.81
CA HIS A 88 14.07 4.25 12.15
C HIS A 88 13.12 4.41 10.97
N VAL A 89 13.67 4.63 9.79
CA VAL A 89 12.87 4.74 8.57
C VAL A 89 12.25 3.38 8.22
N PHE A 90 13.01 2.31 8.45
CA PHE A 90 12.53 0.95 8.26
C PHE A 90 11.41 0.62 9.24
N TYR A 91 11.50 1.16 10.46
CA TYR A 91 10.45 1.03 11.46
C TYR A 91 9.18 1.79 11.06
N ARG A 92 9.36 2.98 10.47
CA ARG A 92 8.23 3.78 10.02
C ARG A 92 7.55 3.19 8.78
N CYS A 93 8.32 2.50 7.95
CA CYS A 93 7.76 1.78 6.80
C CYS A 93 6.88 0.62 7.26
N GLN A 94 7.31 -0.06 8.33
CA GLN A 94 6.52 -1.15 8.90
C GLN A 94 5.20 -0.64 9.45
N CYS A 95 5.26 0.41 10.28
CA CYS A 95 4.06 0.98 10.91
C CYS A 95 3.03 1.43 9.88
N THR A 96 3.49 2.13 8.85
CA THR A 96 2.63 2.55 7.75
C THR A 96 1.82 1.37 7.20
N THR A 97 2.51 0.30 6.84
CA THR A 97 1.87 -0.85 6.20
C THR A 97 0.99 -1.63 7.17
N VAL A 98 1.45 -1.78 8.41
CA VAL A 98 0.67 -2.47 9.45
C VAL A 98 -0.71 -1.82 9.62
N GLU A 99 -0.72 -0.48 9.73
CA GLU A 99 -1.97 0.26 9.83
C GLU A 99 -2.84 0.00 8.62
N THR A 100 -2.24 0.08 7.43
CA THR A 100 -2.95 -0.15 6.17
C THR A 100 -3.46 -1.58 6.02
N VAL A 101 -2.71 -2.55 6.55
CA VAL A 101 -3.14 -3.96 6.53
C VAL A 101 -4.42 -4.16 7.36
N ARG A 102 -4.48 -3.53 8.53
CA ARG A 102 -5.66 -3.63 9.39
C ARG A 102 -6.87 -2.92 8.77
N GLU A 103 -6.62 -1.82 8.06
CA GLU A 103 -7.68 -1.12 7.31
C GLU A 103 -8.21 -2.01 6.17
N LEU A 104 -7.30 -2.53 5.35
CA LEU A 104 -7.65 -3.41 4.23
C LEU A 104 -8.44 -4.64 4.68
N THR A 105 -8.13 -5.14 5.88
CA THR A 105 -8.81 -6.31 6.44
C THR A 105 -10.26 -6.01 6.74
N GLU A 106 -10.53 -4.85 7.35
CA GLU A 106 -11.92 -4.40 7.56
C GLU A 106 -12.58 -4.18 6.21
N PHE A 107 -11.95 -3.37 5.36
CA PHE A 107 -12.46 -3.10 4.01
C PHE A 107 -12.94 -4.37 3.31
N ALA A 108 -12.17 -5.44 3.44
CA ALA A 108 -12.49 -6.73 2.82
C ALA A 108 -13.78 -7.36 3.37
N LYS A 109 -14.05 -7.16 4.66
CA LYS A 109 -15.26 -7.69 5.29
C LYS A 109 -16.53 -7.14 4.63
N SER A 110 -16.46 -5.88 4.20
CA SER A 110 -17.59 -5.21 3.54
C SER A 110 -17.73 -5.54 2.04
N ILE A 111 -16.69 -6.13 1.44
CA ILE A 111 -16.76 -6.54 0.04
C ILE A 111 -17.76 -7.69 -0.10
N PRO A 112 -18.76 -7.54 -1.01
CA PRO A 112 -19.80 -8.56 -1.14
C PRO A 112 -19.24 -9.97 -1.36
N SER A 113 -19.74 -10.93 -0.59
CA SER A 113 -19.40 -12.35 -0.70
C SER A 113 -18.06 -12.78 -0.06
N PHE A 114 -17.22 -11.82 0.32
CA PHE A 114 -15.93 -12.14 0.92
C PHE A 114 -16.09 -12.84 2.27
N SER A 115 -16.98 -12.32 3.10
CA SER A 115 -17.23 -12.85 4.44
C SER A 115 -17.88 -14.24 4.42
N SER A 116 -18.55 -14.57 3.31
CA SER A 116 -19.16 -15.89 3.13
C SER A 116 -18.14 -16.98 2.82
N LEU A 117 -16.93 -16.56 2.41
CA LEU A 117 -15.85 -17.49 2.09
C LEU A 117 -15.33 -18.17 3.35
N PHE A 118 -14.55 -19.22 3.12
CA PHE A 118 -13.91 -19.96 4.19
C PHE A 118 -12.94 -19.02 4.88
N LEU A 119 -12.96 -19.00 6.21
CA LEU A 119 -12.11 -18.08 6.95
C LEU A 119 -10.64 -18.24 6.57
N ASN A 120 -10.23 -19.47 6.28
CA ASN A 120 -8.88 -19.73 5.79
C ASN A 120 -8.58 -18.98 4.49
N ASP A 121 -9.52 -19.06 3.53
CA ASP A 121 -9.40 -18.33 2.26
C ASP A 121 -9.32 -16.83 2.49
N GLN A 122 -10.17 -16.31 3.38
CA GLN A 122 -10.18 -14.89 3.72
C GLN A 122 -8.79 -14.44 4.19
N VAL A 123 -8.16 -15.26 5.04
CA VAL A 123 -6.80 -14.99 5.51
C VAL A 123 -5.79 -15.12 4.36
N THR A 124 -5.90 -16.20 3.59
CA THR A 124 -5.00 -16.44 2.46
C THR A 124 -5.06 -15.29 1.46
N LEU A 125 -6.27 -14.84 1.13
CA LEU A 125 -6.47 -13.73 0.19
C LEU A 125 -5.79 -12.45 0.68
N LEU A 126 -5.95 -12.16 1.96
CA LEU A 126 -5.33 -10.97 2.55
C LEU A 126 -3.83 -11.13 2.68
N LYS A 127 -3.37 -12.34 3.02
CA LYS A 127 -1.95 -12.61 3.18
C LYS A 127 -1.15 -12.20 1.92
N TYR A 128 -1.57 -12.70 0.76
CA TYR A 128 -0.84 -12.45 -0.49
C TYR A 128 -1.31 -11.21 -1.26
N GLY A 129 -2.37 -10.55 -0.80
CA GLY A 129 -2.97 -9.44 -1.54
C GLY A 129 -2.80 -8.04 -0.98
N VAL A 130 -2.47 -7.93 0.31
CA VAL A 130 -2.43 -6.62 0.98
C VAL A 130 -1.34 -5.68 0.47
N HIS A 131 -0.16 -6.20 0.21
CA HIS A 131 0.95 -5.37 -0.26
C HIS A 131 0.70 -4.84 -1.67
N GLU A 132 0.14 -5.70 -2.52
CA GLU A 132 -0.28 -5.30 -3.86
C GLU A 132 -1.29 -4.15 -3.78
N ALA A 133 -2.25 -4.28 -2.87
CA ALA A 133 -3.25 -3.24 -2.65
C ALA A 133 -2.61 -1.97 -2.08
N ILE A 134 -1.69 -2.15 -1.13
CA ILE A 134 -1.01 -1.04 -0.47
C ILE A 134 -0.21 -0.18 -1.45
N PHE A 135 0.64 -0.82 -2.26
CA PHE A 135 1.53 -0.09 -3.16
C PHE A 135 0.76 0.69 -4.22
N ALA A 136 -0.39 0.15 -4.63
CA ALA A 136 -1.30 0.87 -5.52
C ALA A 136 -1.94 2.06 -4.80
N MET A 137 -2.36 1.84 -3.55
CA MET A 137 -2.91 2.92 -2.73
C MET A 137 -1.86 3.99 -2.40
N LEU A 138 -0.64 3.56 -2.08
CA LEU A 138 0.43 4.48 -1.72
C LEU A 138 0.91 5.36 -2.89
N ALA A 139 0.57 4.98 -4.12
CA ALA A 139 0.85 5.81 -5.28
C ALA A 139 0.10 7.14 -5.20
N SER A 140 -1.09 7.10 -4.58
CA SER A 140 -1.90 8.30 -4.36
C SER A 140 -1.16 9.38 -3.57
N ILE A 141 -0.33 8.96 -2.61
CA ILE A 141 0.37 9.89 -1.70
C ILE A 141 1.82 10.12 -2.10
N VAL A 142 2.14 9.95 -3.39
CA VAL A 142 3.50 10.02 -3.89
C VAL A 142 3.58 10.93 -5.10
N ASN A 143 4.70 11.65 -5.23
CA ASN A 143 5.10 12.26 -6.50
C ASN A 143 6.60 12.00 -6.73
N LYS A 144 7.15 12.61 -7.78
CA LYS A 144 8.52 12.29 -8.21
C LYS A 144 9.63 12.73 -7.25
N ASP A 145 9.30 13.57 -6.26
CA ASP A 145 10.29 14.07 -5.30
C ASP A 145 10.16 13.50 -3.88
N GLY A 146 9.08 12.76 -3.63
CA GLY A 146 8.85 12.16 -2.31
C GLY A 146 7.42 11.73 -2.09
N LEU A 147 7.07 11.46 -0.83
CA LEU A 147 5.72 10.99 -0.48
C LEU A 147 5.22 11.60 0.83
N LEU A 148 3.90 11.59 1.01
CA LEU A 148 3.28 12.01 2.26
C LEU A 148 3.41 10.92 3.32
N VAL A 149 3.56 11.34 4.58
CA VAL A 149 3.69 10.41 5.70
C VAL A 149 3.06 11.00 6.95
N ALA A 150 2.82 10.13 7.94
CA ALA A 150 2.30 10.54 9.25
C ALA A 150 1.05 11.40 9.12
N ASN A 151 -0.01 10.81 8.55
CA ASN A 151 -1.33 11.43 8.46
C ASN A 151 -1.36 12.69 7.57
N GLY A 152 -0.46 12.74 6.59
CA GLY A 152 -0.37 13.89 5.68
C GLY A 152 0.31 15.12 6.26
N SER A 153 0.82 15.00 7.49
CA SER A 153 1.45 16.12 8.20
C SER A 153 2.86 16.39 7.69
N GLY A 154 3.55 15.33 7.31
CA GLY A 154 4.94 15.42 6.84
C GLY A 154 5.14 14.86 5.45
N PHE A 155 6.22 15.30 4.81
CA PHE A 155 6.59 14.87 3.46
C PHE A 155 8.06 14.45 3.47
N VAL A 156 8.31 13.14 3.29
CA VAL A 156 9.69 12.64 3.26
C VAL A 156 10.21 12.70 1.83
N THR A 157 11.40 13.29 1.66
CA THR A 157 11.98 13.46 0.33
C THR A 157 12.56 12.15 -0.20
N ARG A 158 12.61 12.05 -1.53
CA ARG A 158 13.18 10.88 -2.20
C ARG A 158 14.70 10.83 -2.00
N GLU A 159 15.34 12.00 -2.07
CA GLU A 159 16.78 12.13 -1.85
C GLU A 159 17.22 11.53 -0.52
N PHE A 160 16.46 11.79 0.53
CA PHE A 160 16.76 11.26 1.86
C PHE A 160 16.72 9.73 1.87
N LEU A 161 15.77 9.17 1.14
CA LEU A 161 15.63 7.72 1.03
C LEU A 161 16.74 7.09 0.17
N ARG A 162 17.31 7.89 -0.73
CA ARG A 162 18.52 7.49 -1.46
C ARG A 162 19.76 7.54 -0.56
N SER A 163 19.72 8.38 0.48
CA SER A 163 20.87 8.59 1.37
C SER A 163 21.00 7.54 2.48
N LEU A 164 20.00 6.66 2.60
CA LEU A 164 20.06 5.60 3.62
C LEU A 164 20.96 4.46 3.15
N ARG A 165 21.08 3.42 3.97
CA ARG A 165 21.87 2.24 3.61
C ARG A 165 21.27 1.51 2.41
N LYS A 166 22.10 0.70 1.74
CA LYS A 166 21.71 0.03 0.50
C LYS A 166 20.46 -0.85 0.65
N PRO A 167 20.44 -1.73 1.68
CA PRO A 167 19.31 -2.65 1.82
C PRO A 167 17.97 -1.93 1.93
N PHE A 168 17.96 -0.80 2.64
CA PHE A 168 16.74 -0.02 2.87
C PHE A 168 16.49 1.00 1.76
N SER A 169 17.55 1.41 1.06
CA SER A 169 17.42 2.31 -0.08
C SER A 169 16.94 1.57 -1.33
N ASP A 170 17.36 0.32 -1.47
CA ASP A 170 17.02 -0.49 -2.64
C ASP A 170 15.59 -1.03 -2.64
N ILE A 171 14.88 -0.94 -1.52
CA ILE A 171 13.47 -1.37 -1.43
C ILE A 171 12.49 -0.21 -1.54
N ILE A 172 12.95 1.02 -1.30
CA ILE A 172 12.10 2.20 -1.40
C ILE A 172 12.07 2.76 -2.82
N GLU A 173 13.21 2.68 -3.51
CA GLU A 173 13.36 3.31 -4.83
C GLU A 173 12.55 2.66 -5.96
N PRO A 174 12.45 1.31 -5.97
CA PRO A 174 11.60 0.67 -6.98
C PRO A 174 10.14 1.10 -6.89
N LYS A 175 9.68 1.46 -5.69
CA LYS A 175 8.29 1.82 -5.45
C LYS A 175 7.94 3.17 -6.08
N PHE A 176 8.84 4.14 -5.92
CA PHE A 176 8.67 5.47 -6.50
C PHE A 176 8.48 5.41 -8.02
N GLU A 177 9.32 4.61 -8.67
CA GLU A 177 9.29 4.48 -10.14
C GLU A 177 8.01 3.81 -10.63
N PHE A 178 7.45 2.91 -9.83
CA PHE A 178 6.16 2.30 -10.13
C PHE A 178 5.01 3.28 -9.88
N ALA A 179 5.10 4.02 -8.78
CA ALA A 179 4.04 4.95 -8.38
C ALA A 179 3.77 6.04 -9.41
N VAL A 180 4.84 6.61 -9.99
CA VAL A 180 4.70 7.66 -11.01
C VAL A 180 4.07 7.14 -12.32
N LYS A 181 4.34 5.87 -12.65
CA LYS A 181 3.71 5.23 -13.80
C LYS A 181 2.24 4.92 -13.54
N PHE A 182 1.93 4.53 -12.31
CA PHE A 182 0.56 4.24 -11.89
C PHE A 182 -0.29 5.51 -11.82
N ASN A 183 0.34 6.61 -11.39
CA ASN A 183 -0.33 7.91 -11.29
C ASN A 183 -0.56 8.59 -12.65
N ALA A 184 0.13 8.12 -13.68
CA ALA A 184 -0.07 8.61 -15.05
C ALA A 184 -1.47 8.25 -15.57
N LEU A 185 -2.06 7.20 -15.00
CA LEU A 185 -3.43 6.80 -15.33
C LEU A 185 -4.48 7.83 -14.87
N GLU A 186 -4.09 8.71 -13.94
CA GLU A 186 -4.96 9.79 -13.44
C GLU A 186 -6.29 9.25 -12.91
N LEU A 187 -6.21 8.21 -12.10
CA LEU A 187 -7.39 7.58 -11.49
C LEU A 187 -7.81 8.36 -10.24
N ASP A 188 -9.04 8.09 -9.78
CA ASP A 188 -9.52 8.67 -8.52
C ASP A 188 -9.91 7.56 -7.55
N ASP A 189 -10.37 7.94 -6.36
CA ASP A 189 -10.65 6.96 -5.29
C ASP A 189 -11.75 5.96 -5.61
N SER A 190 -12.72 6.38 -6.41
CA SER A 190 -13.79 5.48 -6.86
C SER A 190 -13.25 4.39 -7.81
N ASP A 191 -12.18 4.70 -8.53
CA ASP A 191 -11.47 3.70 -9.36
C ASP A 191 -10.67 2.76 -8.47
N LEU A 192 -9.94 3.35 -7.51
CA LEU A 192 -9.10 2.57 -6.58
C LEU A 192 -9.91 1.59 -5.74
N ALA A 193 -11.09 2.01 -5.30
CA ALA A 193 -11.94 1.18 -4.45
C ALA A 193 -12.22 -0.19 -5.07
N LEU A 194 -12.68 -0.20 -6.31
CA LEU A 194 -12.92 -1.45 -7.04
C LEU A 194 -11.61 -2.19 -7.32
N PHE A 195 -10.64 -1.45 -7.87
CA PHE A 195 -9.32 -1.98 -8.23
C PHE A 195 -8.67 -2.76 -7.08
N ILE A 196 -8.73 -2.22 -5.87
CA ILE A 196 -8.16 -2.87 -4.69
C ILE A 196 -8.95 -4.13 -4.32
N ALA A 197 -10.28 -4.05 -4.42
CA ALA A 197 -11.14 -5.21 -4.19
C ALA A 197 -10.82 -6.34 -5.18
N ALA A 198 -10.44 -5.97 -6.40
CA ALA A 198 -10.05 -6.95 -7.43
C ALA A 198 -8.72 -7.61 -7.09
N ILE A 199 -7.81 -6.85 -6.49
CA ILE A 199 -6.49 -7.36 -6.11
C ILE A 199 -6.59 -8.36 -4.95
N ILE A 200 -7.43 -8.06 -3.97
CA ILE A 200 -7.59 -8.91 -2.80
C ILE A 200 -8.26 -10.23 -3.19
N LEU A 201 -9.41 -10.13 -3.84
CA LEU A 201 -10.15 -11.31 -4.32
C LEU A 201 -9.53 -11.84 -5.60
N CYS A 202 -8.34 -12.43 -5.46
CA CYS A 202 -7.58 -12.95 -6.59
C CYS A 202 -7.54 -14.47 -6.53
N GLY A 203 -7.69 -15.10 -7.69
CA GLY A 203 -7.84 -16.55 -7.76
C GLY A 203 -6.59 -17.37 -7.47
N ASP A 204 -5.47 -17.00 -8.07
CA ASP A 204 -4.28 -17.86 -8.08
C ASP A 204 -3.28 -17.58 -6.94
N ARG A 205 -3.78 -17.65 -5.70
CA ARG A 205 -2.94 -17.56 -4.52
C ARG A 205 -2.62 -18.98 -4.07
N PRO A 206 -1.39 -19.21 -3.54
CA PRO A 206 -1.09 -20.52 -2.98
C PRO A 206 -2.03 -20.90 -1.84
N GLY A 207 -2.45 -22.16 -1.80
CA GLY A 207 -3.24 -22.70 -0.70
C GLY A 207 -4.70 -22.26 -0.65
N LEU A 208 -5.15 -21.50 -1.64
CA LEU A 208 -6.53 -21.03 -1.70
C LEU A 208 -7.45 -22.20 -2.06
N MET A 209 -8.37 -22.54 -1.16
CA MET A 209 -9.21 -23.74 -1.31
C MET A 209 -10.32 -23.59 -2.36
N ASN A 210 -11.35 -22.81 -2.04
CA ASN A 210 -12.51 -22.66 -2.92
C ASN A 210 -12.21 -21.62 -4.00
N VAL A 211 -11.48 -22.06 -5.02
CA VAL A 211 -11.03 -21.18 -6.10
C VAL A 211 -12.17 -20.67 -6.99
N PRO A 212 -13.10 -21.56 -7.39
CA PRO A 212 -14.22 -21.13 -8.24
C PRO A 212 -15.04 -19.99 -7.64
N ARG A 213 -15.30 -20.07 -6.34
CA ARG A 213 -16.09 -19.05 -5.64
C ARG A 213 -15.37 -17.70 -5.60
N VAL A 214 -14.04 -17.72 -5.54
CA VAL A 214 -13.27 -16.47 -5.50
C VAL A 214 -13.19 -15.85 -6.89
N GLU A 215 -12.92 -16.66 -7.91
CA GLU A 215 -12.86 -16.18 -9.28
C GLU A 215 -14.21 -15.61 -9.70
N ALA A 216 -15.29 -16.28 -9.31
CA ALA A 216 -16.65 -15.81 -9.57
C ALA A 216 -16.87 -14.41 -9.00
N ILE A 217 -16.52 -14.24 -7.73
CA ILE A 217 -16.62 -12.96 -7.04
C ILE A 217 -15.75 -11.90 -7.71
N GLN A 218 -14.57 -12.31 -8.17
CA GLN A 218 -13.66 -11.39 -8.84
C GLN A 218 -14.22 -10.90 -10.17
N ASP A 219 -14.90 -11.79 -10.90
CA ASP A 219 -15.53 -11.43 -12.16
C ASP A 219 -16.60 -10.37 -11.93
N THR A 220 -17.42 -10.56 -10.90
CA THR A 220 -18.40 -9.56 -10.48
C THR A 220 -17.74 -8.19 -10.27
N ILE A 221 -16.61 -8.19 -9.55
CA ILE A 221 -15.86 -6.96 -9.28
C ILE A 221 -15.19 -6.43 -10.55
N LEU A 222 -14.67 -7.34 -11.37
CA LEU A 222 -14.05 -6.96 -12.64
C LEU A 222 -15.09 -6.39 -13.62
N ARG A 223 -16.30 -6.94 -13.57
CA ARG A 223 -17.42 -6.40 -14.36
C ARG A 223 -17.86 -5.04 -13.84
N ALA A 224 -17.79 -4.85 -12.52
CA ALA A 224 -18.11 -3.56 -11.90
C ALA A 224 -17.09 -2.49 -12.27
N LEU A 225 -15.81 -2.86 -12.26
CA LEU A 225 -14.73 -1.94 -12.61
C LEU A 225 -14.78 -1.53 -14.08
N GLU A 226 -15.09 -2.48 -14.96
CA GLU A 226 -15.19 -2.21 -16.40
C GLU A 226 -16.27 -1.17 -16.71
N PHE A 227 -17.40 -1.25 -16.00
CA PHE A 227 -18.48 -0.28 -16.16
C PHE A 227 -18.08 1.07 -15.58
N HIS A 228 -17.45 1.04 -14.41
CA HIS A 228 -17.07 2.25 -13.69
C HIS A 228 -16.08 3.10 -14.49
N LEU A 229 -15.08 2.45 -15.07
CA LEU A 229 -14.05 3.14 -15.86
C LEU A 229 -14.61 3.83 -17.11
N GLN A 230 -15.65 3.24 -17.70
CA GLN A 230 -16.33 3.84 -18.85
C GLN A 230 -17.23 5.00 -18.40
N ALA A 231 -17.92 4.82 -17.27
CA ALA A 231 -18.79 5.86 -16.71
C ALA A 231 -18.03 7.01 -16.05
N ASN A 232 -16.76 6.80 -15.72
CA ASN A 232 -15.95 7.81 -15.02
C ASN A 232 -14.86 8.43 -15.92
N HIS A 233 -14.31 7.64 -16.83
CA HIS A 233 -13.28 8.10 -17.77
C HIS A 233 -13.71 7.82 -19.21
N PRO A 234 -14.53 8.70 -19.79
CA PRO A 234 -15.06 8.43 -21.13
C PRO A 234 -14.02 8.49 -22.25
N ASP A 235 -13.24 9.56 -22.28
CA ASP A 235 -12.30 9.81 -23.39
C ASP A 235 -10.89 9.32 -23.07
N ALA A 236 -10.80 8.06 -22.64
CA ALA A 236 -9.52 7.42 -22.38
C ALA A 236 -9.68 5.92 -22.58
N GLN A 237 -9.70 5.50 -23.85
CA GLN A 237 -9.93 4.10 -24.19
C GLN A 237 -8.75 3.24 -23.78
N TYR A 238 -8.98 1.92 -23.74
CA TYR A 238 -7.94 0.93 -23.41
C TYR A 238 -7.38 1.11 -21.98
N LEU A 239 -8.22 1.61 -21.07
CA LEU A 239 -7.80 1.88 -19.69
C LEU A 239 -7.95 0.65 -18.79
N PHE A 240 -8.95 -0.18 -19.06
CA PHE A 240 -9.17 -1.40 -18.29
C PHE A 240 -8.02 -2.42 -18.42
N PRO A 241 -7.62 -2.78 -19.65
CA PRO A 241 -6.46 -3.68 -19.77
C PRO A 241 -5.18 -3.09 -19.19
N LYS A 242 -5.07 -1.76 -19.21
CA LYS A 242 -3.98 -1.05 -18.54
C LYS A 242 -3.95 -1.36 -17.04
N LEU A 243 -5.12 -1.33 -16.41
CA LEU A 243 -5.22 -1.67 -14.98
C LEU A 243 -4.94 -3.14 -14.73
N LEU A 244 -5.40 -4.00 -15.63
CA LEU A 244 -5.08 -5.43 -15.57
C LEU A 244 -3.58 -5.67 -15.71
N GLN A 245 -2.92 -4.84 -16.52
CA GLN A 245 -1.47 -4.89 -16.66
C GLN A 245 -0.77 -4.53 -15.34
N LYS A 246 -1.32 -3.56 -14.62
CA LYS A 246 -0.74 -3.11 -13.35
C LYS A 246 -0.88 -4.16 -12.24
N MET A 247 -1.92 -4.99 -12.30
CA MET A 247 -2.09 -6.08 -11.34
C MET A 247 -0.93 -7.07 -11.44
N ALA A 248 -0.50 -7.37 -12.67
CA ALA A 248 0.65 -8.24 -12.91
C ALA A 248 1.95 -7.57 -12.47
N ASP A 249 2.02 -6.24 -12.63
CA ASP A 249 3.19 -5.47 -12.20
C ASP A 249 3.27 -5.40 -10.68
N LEU A 250 2.12 -5.23 -10.02
CA LEU A 250 2.04 -5.23 -8.57
C LEU A 250 2.49 -6.57 -7.98
N ARG A 251 2.24 -7.65 -8.70
CA ARG A 251 2.70 -8.97 -8.28
C ARG A 251 4.23 -9.07 -8.32
N GLN A 252 4.81 -8.65 -9.45
CA GLN A 252 6.27 -8.70 -9.64
C GLN A 252 6.99 -7.76 -8.69
N LEU A 253 6.37 -6.61 -8.40
CA LEU A 253 6.90 -5.64 -7.45
C LEU A 253 6.95 -6.23 -6.04
N VAL A 254 5.85 -6.86 -5.62
CA VAL A 254 5.77 -7.54 -4.33
C VAL A 254 6.70 -8.76 -4.28
N THR A 255 6.79 -9.48 -5.40
CA THR A 255 7.68 -10.64 -5.48
C THR A 255 9.12 -10.22 -5.21
N GLU A 256 9.51 -9.06 -5.72
CA GLU A 256 10.85 -8.53 -5.48
C GLU A 256 10.95 -7.95 -4.06
N HIS A 257 9.92 -7.26 -3.63
CA HIS A 257 9.89 -6.65 -2.29
C HIS A 257 10.05 -7.72 -1.20
N ALA A 258 9.19 -8.73 -1.24
CA ALA A 258 9.26 -9.85 -0.29
C ALA A 258 10.66 -10.47 -0.24
N GLN A 259 11.27 -10.64 -1.41
CA GLN A 259 12.63 -11.20 -1.50
C GLN A 259 13.66 -10.30 -0.84
N MET A 260 13.54 -9.00 -1.05
CA MET A 260 14.44 -8.02 -0.42
C MET A 260 14.19 -7.91 1.08
N MET A 261 12.95 -8.14 1.51
CA MET A 261 12.61 -8.16 2.94
C MET A 261 13.19 -9.38 3.65
N GLN A 262 13.16 -10.52 2.97
CA GLN A 262 13.69 -11.77 3.53
C GLN A 262 15.22 -11.76 3.55
N ARG A 263 15.83 -11.19 2.51
CA ARG A 263 17.28 -10.97 2.51
C ARG A 263 17.68 -10.04 3.65
N ILE A 264 16.86 -9.01 3.89
CA ILE A 264 17.04 -8.10 5.04
C ILE A 264 16.86 -8.85 6.36
N LYS A 265 15.80 -9.66 6.46
CA LYS A 265 15.53 -10.44 7.67
C LYS A 265 16.69 -11.38 7.98
N LYS A 266 17.36 -11.87 6.95
CA LYS A 266 18.53 -12.73 7.11
C LYS A 266 19.73 -11.94 7.62
N THR A 267 20.07 -10.86 6.93
CA THR A 267 21.30 -10.10 7.21
C THR A 267 21.17 -9.11 8.38
N GLU A 268 20.08 -8.34 8.40
CA GLU A 268 19.93 -7.25 9.37
C GLU A 268 19.53 -7.77 10.75
N THR A 269 20.52 -8.16 11.54
CA THR A 269 20.30 -8.83 12.83
C THR A 269 19.88 -7.86 13.94
N GLU A 270 20.19 -6.58 13.78
CA GLU A 270 19.72 -5.55 14.71
C GLU A 270 18.33 -5.04 14.31
N THR A 271 17.76 -5.66 13.28
CA THR A 271 16.44 -5.32 12.78
C THR A 271 15.49 -6.48 13.00
N SER A 272 14.25 -6.16 13.39
CA SER A 272 13.19 -7.15 13.57
C SER A 272 11.95 -6.73 12.77
N LEU A 273 10.91 -7.57 12.82
CA LEU A 273 9.72 -7.37 12.01
C LEU A 273 8.44 -7.49 12.84
N HIS A 274 7.50 -6.58 12.61
CA HIS A 274 6.25 -6.52 13.38
C HIS A 274 5.50 -7.85 13.27
N PRO A 275 4.91 -8.34 14.39
CA PRO A 275 4.20 -9.62 14.39
C PRO A 275 3.20 -9.81 13.26
N LEU A 276 2.51 -8.74 12.87
CA LEU A 276 1.58 -8.78 11.74
C LEU A 276 2.32 -9.03 10.43
N LEU A 277 3.46 -8.38 10.27
CA LEU A 277 4.32 -8.57 9.09
C LEU A 277 4.99 -9.94 9.08
N GLN A 278 5.38 -10.44 10.27
CA GLN A 278 5.95 -11.77 10.39
C GLN A 278 5.03 -12.82 9.76
N GLU A 279 3.74 -12.76 10.11
CA GLU A 279 2.73 -13.65 9.55
C GLU A 279 2.75 -13.64 8.04
N ILE A 280 2.60 -12.45 7.46
CA ILE A 280 2.46 -12.30 6.02
C ILE A 280 3.66 -12.87 5.27
N TYR A 281 4.87 -12.61 5.78
CA TYR A 281 6.10 -13.09 5.13
C TYR A 281 6.50 -14.52 5.51
N LYS A 282 5.76 -15.13 6.43
CA LYS A 282 5.93 -16.55 6.73
C LYS A 282 5.38 -17.41 5.58
N ASP A 283 6.25 -18.18 4.95
CA ASP A 283 5.91 -19.04 3.81
C ASP A 283 5.52 -18.21 2.57
N MET A 284 6.54 -17.62 1.95
CA MET A 284 6.39 -16.89 0.68
C MET A 284 7.47 -17.34 -0.30
C1 3OZ B . 8.07 5.52 4.16
C2 3OZ B . 9.14 6.31 4.61
C3 3OZ B . 6.91 5.52 4.94
C4 3OZ B . 9.06 7.06 5.76
C5 3OZ B . 6.83 6.27 6.11
C6 3OZ B . 7.91 7.05 6.52
CL7 3OZ B . 7.82 8.00 7.96
CL8 3OZ B . 10.60 6.37 3.70
N9 3OZ B . 8.24 4.79 2.95
C10 3OZ B . 7.32 3.98 2.29
C11 3OZ B . 7.73 3.27 1.00
O12 3OZ B . 6.20 3.80 2.71
C13 3OZ B . 7.05 3.80 -0.21
C14 3OZ B . 6.18 2.86 -0.68
C15 3OZ B . 6.21 1.64 0.19
N16 3OZ B . 7.35 1.85 1.14
C17 3OZ B . 8.51 0.94 0.98
C18 3OZ B . 7.20 5.02 -0.84
C19 3OZ B . 6.43 5.27 -1.98
C20 3OZ B . 5.55 4.30 -2.47
C21 3OZ B . 5.41 3.09 -1.80
C22 3OZ B . 9.49 -1.46 3.75
C23 3OZ B . 8.33 -2.24 3.87
C24 3OZ B . 9.55 -0.43 2.83
C25 3OZ B . 7.25 -1.96 3.03
C26 3OZ B . 8.47 -0.18 2.00
C27 3OZ B . 7.32 -0.94 2.11
C28 3OZ B . 10.67 -1.73 4.65
O29 3OZ B . 8.24 -3.25 4.78
C30 3OZ B . 7.10 -3.42 5.60
C31 3OZ B . 6.07 -4.34 4.98
O32 3OZ B . 4.96 -4.47 5.47
O33 3OZ B . 6.37 -5.00 3.84
#